data_8IMS
#
_entry.id   8IMS
#
_cell.length_a   169.923
_cell.length_b   169.923
_cell.length_c   57.055
_cell.angle_alpha   90.000
_cell.angle_beta   90.000
_cell.angle_gamma   120.000
#
_symmetry.space_group_name_H-M   'P 64'
#
loop_
_entity.id
_entity.type
_entity.pdbx_description
1 polymer 'E3 ubiquitin-protein ligase TRAF7'
2 water water
#
_entity_poly.entity_id   1
_entity_poly.type   'polypeptide(L)'
_entity_poly.pdbx_seq_one_letter_code
;GPGSEFELRRQGNQDTYETHLETCRFEGLKEFLQQTDDRFHEMHVALAQKDQEIAFLRSMLGKLSEKIDQLEKSLELKFD
VLDENQSKLSEDLMEFRRDASMLNDELSHINARLNMGILGS
;
_entity_poly.pdbx_strand_id   B,A,C
#
# COMPACT_ATOMS: atom_id res chain seq x y z
N GLY A 28 -62.56 14.53 -30.33
CA GLY A 28 -61.16 14.89 -30.41
C GLY A 28 -60.45 14.82 -29.08
N LEU A 29 -59.47 13.93 -29.00
CA LEU A 29 -58.68 13.74 -27.77
C LEU A 29 -57.26 14.31 -27.96
N LYS A 30 -57.22 15.60 -28.33
CA LYS A 30 -55.94 16.25 -28.53
C LYS A 30 -55.28 16.68 -27.22
N GLU A 31 -56.04 16.74 -26.12
CA GLU A 31 -55.41 17.02 -24.84
C GLU A 31 -54.48 15.88 -24.40
N PHE A 32 -54.83 14.63 -24.72
CA PHE A 32 -54.00 13.51 -24.31
C PHE A 32 -52.74 13.36 -25.17
N LEU A 33 -52.80 13.70 -26.46
CA LEU A 33 -51.62 13.54 -27.31
C LEU A 33 -50.46 14.37 -26.80
N GLN A 34 -50.75 15.56 -26.26
CA GLN A 34 -49.69 16.39 -25.69
C GLN A 34 -49.26 15.88 -24.32
N GLN A 35 -50.19 15.29 -23.56
CA GLN A 35 -49.86 14.76 -22.25
C GLN A 35 -48.73 13.74 -22.33
N THR A 36 -48.73 12.91 -23.38
CA THR A 36 -47.64 11.96 -23.56
C THR A 36 -46.35 12.66 -24.00
N ASP A 37 -46.49 13.71 -24.81
CA ASP A 37 -45.32 14.51 -25.20
C ASP A 37 -44.64 15.11 -23.97
N ASP A 38 -45.44 15.52 -22.98
CA ASP A 38 -44.87 16.05 -21.74
C ASP A 38 -44.12 14.96 -20.98
N ARG A 39 -44.70 13.76 -20.89
CA ARG A 39 -44.06 12.69 -20.14
C ARG A 39 -42.74 12.28 -20.80
N PHE A 40 -42.69 12.28 -22.13
CA PHE A 40 -41.43 11.98 -22.81
C PHE A 40 -40.36 13.00 -22.46
N HIS A 41 -40.75 14.26 -22.29
CA HIS A 41 -39.80 15.29 -21.89
C HIS A 41 -39.28 15.04 -20.48
N GLU A 42 -40.16 14.64 -19.57
CA GLU A 42 -39.74 14.26 -18.23
C GLU A 42 -38.67 13.18 -18.26
N MET A 43 -38.87 12.15 -19.09
CA MET A 43 -37.92 11.04 -19.14
C MET A 43 -36.60 11.47 -19.75
N HIS A 44 -36.64 12.32 -20.79
CA HIS A 44 -35.41 12.82 -21.39
C HIS A 44 -34.58 13.59 -20.37
N VAL A 45 -35.24 14.37 -19.52
CA VAL A 45 -34.54 15.06 -18.44
C VAL A 45 -33.97 14.06 -17.45
N ALA A 46 -34.77 13.06 -17.07
CA ALA A 46 -34.29 12.03 -16.16
C ALA A 46 -33.14 11.26 -16.78
N LEU A 47 -33.19 11.00 -18.08
CA LEU A 47 -32.05 10.40 -18.77
C LEU A 47 -30.85 11.32 -18.77
N ALA A 48 -31.08 12.62 -19.00
CA ALA A 48 -29.98 13.58 -19.01
C ALA A 48 -29.25 13.61 -17.68
N GLN A 49 -29.98 13.51 -16.57
CA GLN A 49 -29.33 13.38 -15.27
C GLN A 49 -28.48 12.11 -15.20
N LYS A 50 -29.02 11.00 -15.70
CA LYS A 50 -28.29 9.74 -15.67
C LYS A 50 -26.96 9.85 -16.39
N ASP A 51 -26.93 10.57 -17.52
CA ASP A 51 -25.65 10.81 -18.20
C ASP A 51 -24.68 11.53 -17.27
N GLN A 52 -25.16 12.51 -16.50
CA GLN A 52 -24.29 13.24 -15.58
C GLN A 52 -23.77 12.32 -14.48
N GLU A 53 -24.68 11.64 -13.78
CA GLU A 53 -24.29 10.75 -12.69
C GLU A 53 -23.29 9.70 -13.16
N ILE A 54 -23.50 9.14 -14.35
CA ILE A 54 -22.59 8.12 -14.85
C ILE A 54 -21.24 8.74 -15.21
N ALA A 55 -21.25 9.95 -15.76
CA ALA A 55 -20.00 10.61 -16.14
C ALA A 55 -19.12 10.87 -14.92
N PHE A 56 -19.71 11.38 -13.83
CA PHE A 56 -18.94 11.61 -12.61
C PHE A 56 -18.42 10.31 -12.03
N LEU A 57 -19.30 9.31 -11.87
CA LEU A 57 -18.88 8.01 -11.33
C LEU A 57 -17.73 7.44 -12.14
N ARG A 58 -17.77 7.64 -13.46
CA ARG A 58 -16.67 7.22 -14.32
C ARG A 58 -15.37 7.90 -13.92
N SER A 59 -15.40 9.23 -13.75
CA SER A 59 -14.18 9.95 -13.39
C SER A 59 -13.66 9.55 -12.02
N MET A 60 -14.56 9.41 -11.03
CA MET A 60 -14.13 8.99 -9.70
C MET A 60 -13.43 7.64 -9.76
N LEU A 61 -13.96 6.70 -10.56
CA LEU A 61 -13.28 5.43 -10.74
C LEU A 61 -11.89 5.64 -11.32
N GLY A 62 -11.76 6.50 -12.33
CA GLY A 62 -10.45 6.77 -12.89
C GLY A 62 -9.51 7.39 -11.89
N LYS A 63 -10.02 8.31 -11.07
CA LYS A 63 -9.20 8.92 -10.03
C LYS A 63 -8.79 7.89 -8.97
N LEU A 64 -9.72 7.02 -8.56
CA LEU A 64 -9.38 5.99 -7.59
C LEU A 64 -8.41 4.98 -8.19
N SER A 65 -8.66 4.54 -9.43
CA SER A 65 -7.74 3.62 -10.09
C SER A 65 -6.38 4.27 -10.28
N GLU A 66 -6.36 5.59 -10.49
CA GLU A 66 -5.10 6.32 -10.54
C GLU A 66 -4.40 6.32 -9.19
N LYS A 67 -5.16 6.60 -8.13
CA LYS A 67 -4.61 6.56 -6.78
C LYS A 67 -3.92 5.23 -6.48
N ILE A 68 -4.50 4.13 -6.95
CA ILE A 68 -3.93 2.82 -6.71
C ILE A 68 -2.58 2.65 -7.42
N ASP A 69 -2.49 3.10 -8.67
CA ASP A 69 -1.28 2.86 -9.45
C ASP A 69 -0.07 3.57 -8.85
N GLN A 70 -0.23 4.83 -8.42
CA GLN A 70 0.88 5.52 -7.77
C GLN A 70 1.25 4.85 -6.45
N LEU A 71 0.24 4.36 -5.71
CA LEU A 71 0.51 3.65 -4.47
C LEU A 71 1.29 2.36 -4.72
N GLU A 72 0.95 1.64 -5.80
CA GLU A 72 1.72 0.46 -6.16
C GLU A 72 3.16 0.81 -6.49
N LYS A 73 3.36 1.87 -7.28
CA LYS A 73 4.72 2.28 -7.65
C LYS A 73 5.49 2.78 -6.44
N SER A 74 4.86 3.61 -5.60
CA SER A 74 5.52 4.10 -4.40
C SER A 74 5.95 2.96 -3.49
N LEU A 75 5.18 1.87 -3.45
CA LEU A 75 5.58 0.71 -2.67
C LEU A 75 6.81 0.04 -3.26
N GLU A 76 6.87 -0.05 -4.59
CA GLU A 76 8.02 -0.66 -5.25
C GLU A 76 9.31 0.06 -4.87
N LEU A 77 9.29 1.39 -4.89
CA LEU A 77 10.48 2.16 -4.53
C LEU A 77 10.81 2.00 -3.05
N LYS A 78 9.84 2.31 -2.18
CA LYS A 78 10.08 2.27 -0.73
C LYS A 78 10.48 0.88 -0.25
N PHE A 79 10.06 -0.18 -0.94
CA PHE A 79 10.47 -1.52 -0.55
C PHE A 79 11.90 -1.82 -0.98
N ASP A 80 12.27 -1.46 -2.21
CA ASP A 80 13.63 -1.70 -2.67
C ASP A 80 14.65 -0.96 -1.81
N VAL A 81 14.28 0.22 -1.29
CA VAL A 81 15.19 0.95 -0.42
C VAL A 81 15.39 0.20 0.90
N LEU A 82 14.30 -0.13 1.58
CA LEU A 82 14.41 -0.79 2.88
C LEU A 82 14.98 -2.20 2.76
N ASP A 83 14.71 -2.88 1.65
CA ASP A 83 15.30 -4.20 1.44
C ASP A 83 16.82 -4.10 1.30
N GLU A 84 17.31 -3.08 0.59
CA GLU A 84 18.74 -2.87 0.48
C GLU A 84 19.35 -2.48 1.82
N ASN A 85 18.68 -1.59 2.56
CA ASN A 85 19.18 -1.19 3.87
C ASN A 85 19.28 -2.37 4.81
N GLN A 86 18.27 -3.26 4.80
CA GLN A 86 18.35 -4.46 5.61
C GLN A 86 19.50 -5.36 5.17
N SER A 87 19.73 -5.45 3.85
CA SER A 87 20.82 -6.27 3.34
C SER A 87 22.17 -5.62 3.60
N LYS A 88 22.28 -4.31 3.35
CA LYS A 88 23.55 -3.61 3.57
C LYS A 88 23.93 -3.62 5.04
N LEU A 89 22.96 -3.39 5.93
CA LEU A 89 23.25 -3.41 7.36
C LEU A 89 23.63 -4.82 7.82
N SER A 90 22.95 -5.84 7.28
CA SER A 90 23.26 -7.21 7.67
C SER A 90 24.63 -7.65 7.15
N GLU A 91 25.03 -7.17 5.97
CA GLU A 91 26.39 -7.41 5.51
C GLU A 91 27.40 -6.77 6.45
N ASP A 92 27.10 -5.56 6.93
CA ASP A 92 27.94 -4.91 7.92
C ASP A 92 28.07 -5.76 9.18
N LEU A 93 26.96 -6.38 9.62
CA LEU A 93 27.00 -7.27 10.77
C LEU A 93 27.98 -8.40 10.55
N MET A 94 27.94 -9.03 9.38
CA MET A 94 28.80 -10.18 9.12
C MET A 94 30.27 -9.78 9.12
N GLU A 95 30.60 -8.62 8.57
CA GLU A 95 31.97 -8.13 8.66
C GLU A 95 32.33 -7.76 10.09
N PHE A 96 31.40 -7.12 10.82
CA PHE A 96 31.69 -6.66 12.17
C PHE A 96 31.84 -7.83 13.14
N ARG A 97 31.08 -8.92 12.94
CA ARG A 97 31.26 -10.09 13.79
C ARG A 97 32.63 -10.72 13.58
N ARG A 98 33.15 -10.68 12.35
CA ARG A 98 34.52 -11.12 12.10
C ARG A 98 35.50 -10.28 12.90
N ASP A 99 35.37 -8.96 12.81
CA ASP A 99 36.25 -8.05 13.55
C ASP A 99 36.18 -8.28 15.05
N ALA A 100 35.02 -8.70 15.56
CA ALA A 100 34.90 -8.97 16.99
C ALA A 100 35.69 -10.20 17.39
N SER A 101 35.76 -11.21 16.51
CA SER A 101 36.52 -12.41 16.82
C SER A 101 38.02 -12.13 16.82
N MET A 102 38.49 -11.31 15.88
CA MET A 102 39.91 -10.94 15.86
C MET A 102 40.29 -10.18 17.14
N LEU A 103 39.40 -9.31 17.62
CA LEU A 103 39.68 -8.59 18.85
C LEU A 103 39.78 -9.54 20.04
N ASN A 104 38.87 -10.52 20.10
CA ASN A 104 38.88 -11.48 21.20
C ASN A 104 40.12 -12.36 21.15
N ASP A 105 40.57 -12.72 19.95
CA ASP A 105 41.80 -13.49 19.81
C ASP A 105 43.01 -12.74 20.36
N GLU A 106 43.13 -11.44 20.01
CA GLU A 106 44.28 -10.67 20.45
C GLU A 106 44.33 -10.47 21.96
N LEU A 107 43.18 -10.49 22.63
CA LEU A 107 43.21 -10.43 24.09
C LEU A 107 43.77 -11.72 24.67
N SER A 108 43.38 -12.86 24.08
CA SER A 108 44.00 -14.13 24.46
C SER A 108 45.48 -14.13 24.10
N HIS A 109 45.83 -13.46 22.99
CA HIS A 109 47.23 -13.33 22.61
C HIS A 109 48.03 -12.61 23.68
N ILE A 110 47.49 -11.49 24.17
CA ILE A 110 48.19 -10.68 25.16
C ILE A 110 48.31 -11.43 26.48
N ASN A 111 47.19 -12.01 26.94
CA ASN A 111 47.20 -12.77 28.19
C ASN A 111 48.16 -13.94 28.11
N ALA A 112 48.27 -14.57 26.93
CA ALA A 112 49.22 -15.67 26.75
C ALA A 112 50.66 -15.20 26.89
N ARG A 113 50.96 -13.99 26.39
CA ARG A 113 52.32 -13.49 26.51
C ARG A 113 52.65 -13.13 27.95
N LEU A 114 51.66 -12.66 28.71
CA LEU A 114 51.89 -12.34 30.11
C LEU A 114 52.14 -13.61 30.93
N ASN A 115 51.55 -14.73 30.52
CA ASN A 115 51.81 -15.99 31.19
C ASN A 115 53.15 -16.60 30.78
N MET A 116 53.81 -16.04 29.77
CA MET A 116 55.16 -16.43 29.42
C MET A 116 56.21 -15.66 30.19
N GLY A 117 55.80 -14.61 30.91
CA GLY A 117 56.71 -13.85 31.74
C GLY A 117 56.87 -14.51 33.09
N ILE A 118 55.80 -15.18 33.54
CA ILE A 118 55.89 -15.97 34.76
C ILE A 118 56.85 -17.13 34.57
N LEU A 119 56.77 -17.77 33.41
CA LEU A 119 57.48 -19.02 33.16
C LEU A 119 58.91 -18.78 32.70
N GLU B 27 -61.15 6.90 -35.99
CA GLU B 27 -61.33 5.96 -34.90
C GLU B 27 -61.27 4.52 -35.40
N GLY B 28 -60.16 3.83 -35.11
CA GLY B 28 -60.00 2.46 -35.54
C GLY B 28 -59.03 1.65 -34.71
N LEU B 29 -58.52 2.23 -33.63
CA LEU B 29 -57.55 1.54 -32.78
C LEU B 29 -57.41 2.21 -31.42
N LYS B 30 -58.42 2.05 -30.55
CA LYS B 30 -58.38 2.64 -29.22
C LYS B 30 -57.53 1.82 -28.23
N GLU B 31 -57.19 0.57 -28.58
CA GLU B 31 -56.31 -0.21 -27.72
C GLU B 31 -54.94 0.43 -27.60
N PHE B 32 -54.53 1.22 -28.60
CA PHE B 32 -53.23 1.88 -28.57
C PHE B 32 -53.17 2.91 -27.45
N LEU B 33 -54.31 3.49 -27.08
CA LEU B 33 -54.36 4.43 -25.98
C LEU B 33 -53.83 3.80 -24.70
N GLN B 34 -54.18 2.53 -24.46
CA GLN B 34 -53.67 1.82 -23.29
C GLN B 34 -52.26 1.29 -23.48
N GLN B 35 -51.90 0.89 -24.70
CA GLN B 35 -50.57 0.34 -24.96
C GLN B 35 -49.48 1.35 -24.59
N THR B 36 -49.71 2.63 -24.85
CA THR B 36 -48.73 3.64 -24.47
C THR B 36 -48.68 3.82 -22.95
N ASP B 37 -49.84 3.72 -22.29
CA ASP B 37 -49.84 3.77 -20.83
C ASP B 37 -49.03 2.63 -20.24
N ASP B 38 -49.09 1.45 -20.86
CA ASP B 38 -48.27 0.33 -20.40
C ASP B 38 -46.79 0.59 -20.62
N ARG B 39 -46.42 1.10 -21.80
CA ARG B 39 -45.01 1.34 -22.10
C ARG B 39 -44.42 2.42 -21.20
N PHE B 40 -45.21 3.45 -20.88
CA PHE B 40 -44.73 4.48 -19.96
C PHE B 40 -44.45 3.89 -18.59
N HIS B 41 -45.27 2.94 -18.15
CA HIS B 41 -45.01 2.28 -16.87
C HIS B 41 -43.74 1.44 -16.93
N GLU B 42 -43.52 0.74 -18.05
CA GLU B 42 -42.26 0.03 -18.26
C GLU B 42 -41.06 0.97 -18.14
N MET B 43 -41.16 2.14 -18.75
CA MET B 43 -40.04 3.08 -18.75
C MET B 43 -39.78 3.62 -17.35
N HIS B 44 -40.84 3.95 -16.61
CA HIS B 44 -40.67 4.48 -15.26
C HIS B 44 -39.99 3.47 -14.34
N VAL B 45 -40.39 2.19 -14.43
CA VAL B 45 -39.73 1.17 -13.63
C VAL B 45 -38.29 0.96 -14.09
N ALA B 46 -38.07 0.90 -15.39
CA ALA B 46 -36.72 0.73 -15.91
C ALA B 46 -35.82 1.89 -15.49
N LEU B 47 -36.38 3.11 -15.51
CA LEU B 47 -35.64 4.26 -14.98
C LEU B 47 -35.44 4.13 -13.47
N ALA B 48 -36.46 3.66 -12.75
CA ALA B 48 -36.34 3.47 -11.32
C ALA B 48 -35.19 2.54 -10.98
N GLN B 49 -34.98 1.51 -11.82
CA GLN B 49 -33.80 0.65 -11.68
C GLN B 49 -32.52 1.47 -11.81
N LYS B 50 -32.46 2.34 -12.81
CA LYS B 50 -31.27 3.17 -13.02
C LYS B 50 -30.98 4.04 -11.80
N ASP B 51 -32.03 4.59 -11.18
CA ASP B 51 -31.84 5.33 -9.94
C ASP B 51 -31.17 4.46 -8.88
N GLN B 52 -31.63 3.21 -8.76
CA GLN B 52 -31.08 2.30 -7.77
C GLN B 52 -29.63 1.94 -8.09
N GLU B 53 -29.37 1.50 -9.33
CA GLU B 53 -28.01 1.11 -9.71
C GLU B 53 -27.01 2.22 -9.44
N ILE B 54 -27.37 3.47 -9.75
CA ILE B 54 -26.47 4.58 -9.48
C ILE B 54 -26.35 4.83 -7.98
N ALA B 55 -27.46 4.69 -7.24
CA ALA B 55 -27.41 4.85 -5.80
C ALA B 55 -26.46 3.83 -5.17
N PHE B 56 -26.58 2.57 -5.61
CA PHE B 56 -25.65 1.54 -5.16
C PHE B 56 -24.23 1.86 -5.58
N LEU B 57 -24.04 2.18 -6.86
CA LEU B 57 -22.71 2.52 -7.37
C LEU B 57 -22.10 3.69 -6.60
N ARG B 58 -22.91 4.70 -6.25
CA ARG B 58 -22.40 5.82 -5.48
C ARG B 58 -21.87 5.38 -4.12
N SER B 59 -22.69 4.65 -3.36
CA SER B 59 -22.27 4.23 -2.02
C SER B 59 -21.08 3.28 -2.08
N MET B 60 -21.12 2.33 -3.02
CA MET B 60 -20.00 1.42 -3.18
C MET B 60 -18.72 2.18 -3.53
N LEU B 61 -18.83 3.19 -4.38
CA LEU B 61 -17.68 4.02 -4.71
C LEU B 61 -17.11 4.72 -3.47
N GLY B 62 -17.99 5.29 -2.64
CA GLY B 62 -17.52 5.99 -1.45
C GLY B 62 -16.78 5.07 -0.49
N LYS B 63 -17.26 3.84 -0.34
CA LYS B 63 -16.58 2.88 0.52
C LYS B 63 -15.18 2.56 0.00
N LEU B 64 -15.05 2.41 -1.32
CA LEU B 64 -13.75 2.15 -1.91
C LEU B 64 -12.80 3.33 -1.74
N SER B 65 -13.29 4.55 -2.00
CA SER B 65 -12.45 5.73 -1.82
C SER B 65 -12.02 5.89 -0.36
N GLU B 66 -12.89 5.50 0.58
CA GLU B 66 -12.50 5.49 1.98
C GLU B 66 -11.49 4.38 2.25
N LYS B 67 -11.77 3.16 1.75
CA LYS B 67 -10.84 2.06 1.90
C LYS B 67 -9.46 2.40 1.35
N ILE B 68 -9.40 3.10 0.22
CA ILE B 68 -8.12 3.52 -0.34
C ILE B 68 -7.45 4.50 0.60
N ASP B 69 -8.21 5.45 1.13
CA ASP B 69 -7.64 6.47 2.01
C ASP B 69 -7.04 5.87 3.27
N GLN B 70 -7.72 4.87 3.85
CA GLN B 70 -7.20 4.22 5.04
C GLN B 70 -5.90 3.46 4.76
N LEU B 71 -5.82 2.78 3.62
CA LEU B 71 -4.59 2.07 3.27
C LEU B 71 -3.42 3.02 3.09
N GLU B 72 -3.67 4.19 2.48
CA GLU B 72 -2.61 5.19 2.34
C GLU B 72 -2.06 5.60 3.70
N LYS B 73 -2.95 5.84 4.67
CA LYS B 73 -2.50 6.28 5.99
C LYS B 73 -1.76 5.18 6.74
N SER B 74 -2.34 3.97 6.78
CA SER B 74 -1.70 2.86 7.51
C SER B 74 -0.36 2.49 6.90
N LEU B 75 -0.21 2.62 5.59
CA LEU B 75 1.08 2.35 4.95
C LEU B 75 2.12 3.38 5.33
N GLU B 76 1.71 4.65 5.44
CA GLU B 76 2.64 5.70 5.87
C GLU B 76 3.27 5.37 7.21
N LEU B 77 2.46 4.88 8.15
CA LEU B 77 2.94 4.57 9.49
C LEU B 77 3.93 3.41 9.48
N LYS B 78 3.52 2.27 8.92
CA LYS B 78 4.35 1.07 8.98
C LYS B 78 5.71 1.29 8.35
N PHE B 79 5.80 2.18 7.36
CA PHE B 79 7.12 2.53 6.82
C PHE B 79 7.84 3.50 7.74
N ASP B 80 7.12 4.50 8.24
CA ASP B 80 7.72 5.43 9.21
C ASP B 80 8.15 4.68 10.47
N VAL B 81 7.43 3.63 10.83
CA VAL B 81 7.81 2.81 11.99
C VAL B 81 9.13 2.09 11.73
N LEU B 82 9.20 1.34 10.63
CA LEU B 82 10.40 0.56 10.33
C LEU B 82 11.59 1.45 10.02
N ASP B 83 11.35 2.65 9.49
CA ASP B 83 12.45 3.59 9.25
C ASP B 83 13.11 4.01 10.55
N GLU B 84 12.32 4.17 11.62
CA GLU B 84 12.90 4.49 12.91
C GLU B 84 13.78 3.36 13.41
N ASN B 85 13.30 2.12 13.29
CA ASN B 85 14.12 0.97 13.69
C ASN B 85 15.39 0.86 12.85
N GLN B 86 15.28 1.10 11.54
CA GLN B 86 16.46 1.09 10.69
C GLN B 86 17.45 2.17 11.09
N SER B 87 16.96 3.34 11.50
CA SER B 87 17.86 4.41 11.91
C SER B 87 18.53 4.10 13.24
N LYS B 88 17.74 3.65 14.23
CA LYS B 88 18.31 3.34 15.53
C LYS B 88 19.27 2.16 15.46
N LEU B 89 18.92 1.13 14.68
CA LEU B 89 19.80 -0.02 14.54
C LEU B 89 21.10 0.36 13.85
N SER B 90 21.02 1.19 12.80
CA SER B 90 22.23 1.60 12.09
C SER B 90 23.06 2.55 12.94
N GLU B 91 22.42 3.39 13.76
CA GLU B 91 23.16 4.22 14.71
C GLU B 91 23.89 3.35 15.73
N ASP B 92 23.24 2.27 16.18
CA ASP B 92 23.91 1.35 17.09
C ASP B 92 25.16 0.77 16.45
N LEU B 93 25.08 0.39 15.17
CA LEU B 93 26.26 -0.12 14.47
C LEU B 93 27.38 0.91 14.45
N MET B 94 27.06 2.17 14.15
CA MET B 94 28.10 3.19 14.02
C MET B 94 28.85 3.41 15.32
N GLU B 95 28.13 3.40 16.45
CA GLU B 95 28.80 3.50 17.74
C GLU B 95 29.66 2.27 18.02
N PHE B 96 29.15 1.08 17.67
CA PHE B 96 29.86 -0.15 17.97
C PHE B 96 31.12 -0.30 17.12
N ARG B 97 31.11 0.21 15.89
CA ARG B 97 32.33 0.22 15.09
C ARG B 97 33.37 1.16 15.69
N ARG B 98 32.92 2.30 16.22
CA ARG B 98 33.82 3.21 16.92
C ARG B 98 34.43 2.53 18.14
N ASP B 99 33.59 1.91 18.97
CA ASP B 99 34.12 1.20 20.14
C ASP B 99 35.08 0.09 19.74
N ALA B 100 34.82 -0.56 18.60
CA ALA B 100 35.72 -1.59 18.11
C ALA B 100 37.03 -1.00 17.58
N SER B 101 36.95 0.17 16.94
CA SER B 101 38.15 0.78 16.39
C SER B 101 39.07 1.30 17.49
N MET B 102 38.50 1.96 18.51
CA MET B 102 39.32 2.40 19.63
C MET B 102 39.89 1.22 20.40
N LEU B 103 39.12 0.15 20.55
CA LEU B 103 39.60 -1.04 21.24
C LEU B 103 40.75 -1.69 20.48
N ASN B 104 40.66 -1.75 19.15
CA ASN B 104 41.73 -2.34 18.36
C ASN B 104 43.01 -1.52 18.48
N ASP B 105 42.86 -0.19 18.54
CA ASP B 105 44.00 0.68 18.82
C ASP B 105 44.60 0.36 20.18
N GLU B 106 43.74 0.13 21.18
CA GLU B 106 44.21 -0.13 22.53
C GLU B 106 45.04 -1.41 22.61
N LEU B 107 44.73 -2.40 21.77
CA LEU B 107 45.53 -3.63 21.75
C LEU B 107 46.88 -3.43 21.07
N SER B 108 46.91 -2.66 19.97
CA SER B 108 48.17 -2.43 19.28
C SER B 108 49.18 -1.70 20.17
N HIS B 109 48.71 -0.73 20.97
CA HIS B 109 49.62 -0.06 21.89
C HIS B 109 50.13 -1.03 22.95
N ILE B 110 49.26 -1.92 23.44
CA ILE B 110 49.68 -2.91 24.44
C ILE B 110 50.70 -3.87 23.84
N ASN B 111 50.44 -4.35 22.62
CA ASN B 111 51.37 -5.26 21.95
C ASN B 111 52.75 -4.62 21.77
N ALA B 112 52.78 -3.31 21.51
CA ALA B 112 54.05 -2.61 21.37
C ALA B 112 54.82 -2.60 22.69
N ARG B 113 54.11 -2.50 23.82
CA ARG B 113 54.79 -2.49 25.11
C ARG B 113 55.39 -3.85 25.44
N LEU B 114 54.75 -4.93 24.97
CA LEU B 114 55.23 -6.27 25.28
C LEU B 114 56.60 -6.54 24.68
N ASN B 115 56.92 -5.94 23.52
CA ASN B 115 58.24 -6.11 22.96
C ASN B 115 59.29 -5.24 23.65
N MET B 116 58.86 -4.31 24.49
CA MET B 116 59.76 -3.50 25.30
C MET B 116 60.03 -4.14 26.67
N GLY B 117 59.26 -5.17 27.05
CA GLY B 117 59.44 -5.79 28.34
C GLY B 117 60.62 -6.74 28.40
N ILE B 118 61.10 -6.95 29.63
CA ILE B 118 62.16 -7.92 29.88
C ILE B 118 61.65 -9.32 29.61
N LEU B 119 62.47 -10.13 28.94
CA LEU B 119 62.12 -11.51 28.64
C LEU B 119 63.35 -12.41 28.69
N GLU C 27 -59.43 15.89 -40.44
CA GLU C 27 -59.29 14.57 -39.84
C GLU C 27 -57.83 14.09 -39.92
N GLY C 28 -57.65 12.80 -40.18
CA GLY C 28 -56.31 12.26 -40.31
C GLY C 28 -55.60 12.21 -38.97
N LEU C 29 -54.42 12.84 -38.92
CA LEU C 29 -53.59 12.90 -37.71
C LEU C 29 -53.16 11.52 -37.23
N LYS C 30 -53.10 10.55 -38.14
CA LYS C 30 -52.65 9.21 -37.80
C LYS C 30 -51.13 9.09 -37.78
N GLU C 31 -50.43 10.06 -38.37
CA GLU C 31 -48.97 10.07 -38.33
C GLU C 31 -48.45 10.22 -36.91
N PHE C 32 -49.22 10.87 -36.03
CA PHE C 32 -48.76 11.08 -34.66
C PHE C 32 -48.71 9.76 -33.89
N LEU C 33 -49.56 8.80 -34.25
CA LEU C 33 -49.53 7.49 -33.59
C LEU C 33 -48.16 6.84 -33.74
N GLN C 34 -47.53 7.00 -34.90
CA GLN C 34 -46.19 6.46 -35.11
C GLN C 34 -45.13 7.32 -34.45
N GLN C 35 -45.34 8.63 -34.38
CA GLN C 35 -44.36 9.52 -33.76
C GLN C 35 -44.09 9.11 -32.31
N THR C 36 -45.13 8.72 -31.56
CA THR C 36 -44.92 8.25 -30.21
C THR C 36 -44.33 6.84 -30.21
N ASP C 37 -44.74 6.00 -31.16
CA ASP C 37 -44.14 4.68 -31.29
C ASP C 37 -42.65 4.80 -31.59
N ASP C 38 -42.28 5.79 -32.40
CA ASP C 38 -40.86 6.07 -32.65
C ASP C 38 -40.17 6.56 -31.39
N ARG C 39 -40.85 7.44 -30.63
CA ARG C 39 -40.25 7.99 -29.42
C ARG C 39 -39.93 6.91 -28.40
N PHE C 40 -40.82 5.91 -28.27
CA PHE C 40 -40.56 4.81 -27.37
C PHE C 40 -39.34 4.01 -27.79
N HIS C 41 -39.10 3.89 -29.10
CA HIS C 41 -37.91 3.20 -29.57
C HIS C 41 -36.65 3.95 -29.19
N GLU C 42 -36.68 5.29 -29.31
CA GLU C 42 -35.56 6.10 -28.84
C GLU C 42 -35.28 5.84 -27.37
N MET C 43 -36.32 5.76 -26.55
CA MET C 43 -36.11 5.54 -25.12
C MET C 43 -35.55 4.15 -24.84
N HIS C 44 -36.04 3.13 -25.56
CA HIS C 44 -35.50 1.79 -25.39
C HIS C 44 -34.03 1.74 -25.76
N VAL C 45 -33.65 2.44 -26.84
CA VAL C 45 -32.24 2.49 -27.24
C VAL C 45 -31.43 3.26 -26.21
N ALA C 46 -31.93 4.43 -25.79
CA ALA C 46 -31.24 5.22 -24.77
C ALA C 46 -31.15 4.47 -23.45
N LEU C 47 -32.22 3.75 -23.08
CA LEU C 47 -32.17 2.91 -21.90
C LEU C 47 -31.16 1.77 -22.07
N ALA C 48 -31.11 1.17 -23.26
CA ALA C 48 -30.19 0.07 -23.50
C ALA C 48 -28.74 0.47 -23.24
N GLN C 49 -28.36 1.69 -23.63
CA GLN C 49 -27.04 2.19 -23.27
C GLN C 49 -26.89 2.34 -21.77
N LYS C 50 -27.94 2.84 -21.09
CA LYS C 50 -27.87 3.00 -19.65
C LYS C 50 -27.60 1.67 -18.95
N ASP C 51 -28.24 0.60 -19.41
CA ASP C 51 -27.89 -0.74 -18.92
C ASP C 51 -26.42 -1.04 -19.21
N GLN C 52 -25.96 -0.67 -20.40
CA GLN C 52 -24.57 -0.94 -20.78
C GLN C 52 -23.59 -0.16 -19.91
N GLU C 53 -23.76 1.16 -19.84
CA GLU C 53 -22.84 2.01 -19.09
C GLU C 53 -22.72 1.57 -17.64
N ILE C 54 -23.84 1.20 -17.02
CA ILE C 54 -23.81 0.77 -15.62
C ILE C 54 -23.09 -0.56 -15.48
N ALA C 55 -23.24 -1.46 -16.46
CA ALA C 55 -22.59 -2.77 -16.40
C ALA C 55 -21.07 -2.65 -16.33
N PHE C 56 -20.50 -1.78 -17.17
CA PHE C 56 -19.05 -1.55 -17.13
C PHE C 56 -18.63 -0.96 -15.79
N LEU C 57 -19.32 0.10 -15.36
CA LEU C 57 -18.99 0.73 -14.09
C LEU C 57 -18.99 -0.29 -12.96
N ARG C 58 -19.96 -1.22 -12.99
CA ARG C 58 -19.96 -2.31 -12.03
C ARG C 58 -18.72 -3.17 -12.17
N SER C 59 -18.43 -3.61 -13.40
CA SER C 59 -17.25 -4.45 -13.63
C SER C 59 -15.97 -3.69 -13.35
N MET C 60 -15.89 -2.43 -13.80
CA MET C 60 -14.72 -1.61 -13.51
C MET C 60 -14.50 -1.46 -12.01
N LEU C 61 -15.59 -1.26 -11.26
CA LEU C 61 -15.49 -1.22 -9.80
C LEU C 61 -14.97 -2.54 -9.25
N GLY C 62 -15.50 -3.65 -9.76
CA GLY C 62 -15.04 -4.96 -9.31
C GLY C 62 -13.57 -5.18 -9.57
N LYS C 63 -13.08 -4.72 -10.73
CA LYS C 63 -11.66 -4.87 -11.05
C LYS C 63 -10.80 -4.11 -10.04
N LEU C 64 -11.22 -2.90 -9.65
CA LEU C 64 -10.46 -2.14 -8.67
C LEU C 64 -10.48 -2.80 -7.29
N SER C 65 -11.65 -3.26 -6.84
CA SER C 65 -11.72 -3.94 -5.56
C SER C 65 -10.91 -5.22 -5.54
N GLU C 66 -10.85 -5.93 -6.67
CA GLU C 66 -9.99 -7.10 -6.78
C GLU C 66 -8.52 -6.69 -6.76
N LYS C 67 -8.16 -5.68 -7.56
CA LYS C 67 -6.80 -5.17 -7.57
C LYS C 67 -6.36 -4.74 -6.17
N ILE C 68 -7.25 -4.09 -5.43
CA ILE C 68 -6.91 -3.64 -4.08
C ILE C 68 -6.72 -4.83 -3.15
N ASP C 69 -7.63 -5.80 -3.21
CA ASP C 69 -7.56 -6.93 -2.29
C ASP C 69 -6.30 -7.76 -2.52
N GLN C 70 -5.95 -8.01 -3.78
CA GLN C 70 -4.72 -8.74 -4.08
C GLN C 70 -3.49 -7.94 -3.65
N LEU C 71 -3.52 -6.62 -3.86
CA LEU C 71 -2.43 -5.78 -3.39
C LEU C 71 -2.30 -5.85 -1.88
N GLU C 72 -3.43 -5.90 -1.18
CA GLU C 72 -3.41 -6.08 0.28
C GLU C 72 -2.73 -7.38 0.66
N LYS C 73 -2.99 -8.45 -0.09
CA LYS C 73 -2.38 -9.74 0.22
C LYS C 73 -0.87 -9.71 0.05
N SER C 74 -0.40 -9.19 -1.09
CA SER C 74 1.03 -9.09 -1.31
C SER C 74 1.70 -8.21 -0.28
N LEU C 75 0.98 -7.18 0.21
CA LEU C 75 1.54 -6.33 1.25
C LEU C 75 1.71 -7.06 2.57
N GLU C 76 0.73 -7.90 2.93
CA GLU C 76 0.85 -8.68 4.16
C GLU C 76 2.08 -9.58 4.14
N LEU C 77 2.32 -10.25 3.01
CA LEU C 77 3.49 -11.12 2.89
C LEU C 77 4.76 -10.30 2.94
N LYS C 78 4.87 -9.28 2.08
CA LYS C 78 6.06 -8.45 2.03
C LYS C 78 6.33 -7.75 3.36
N PHE C 79 5.27 -7.52 4.15
CA PHE C 79 5.44 -6.93 5.48
C PHE C 79 5.96 -7.96 6.48
N ASP C 80 5.38 -9.17 6.48
CA ASP C 80 5.83 -10.22 7.38
C ASP C 80 7.28 -10.59 7.14
N VAL C 81 7.75 -10.49 5.90
CA VAL C 81 9.15 -10.76 5.59
C VAL C 81 10.04 -9.72 6.27
N LEU C 82 9.77 -8.44 6.02
CA LEU C 82 10.61 -7.39 6.60
C LEU C 82 10.52 -7.35 8.12
N ASP C 83 9.36 -7.72 8.67
CA ASP C 83 9.25 -7.80 10.12
C ASP C 83 10.15 -8.89 10.69
N GLU C 84 10.23 -10.03 10.00
CA GLU C 84 11.12 -11.11 10.43
C GLU C 84 12.59 -10.70 10.33
N ASN C 85 12.97 -10.08 9.21
CA ASN C 85 14.35 -9.63 9.05
C ASN C 85 14.73 -8.59 10.10
N GLN C 86 13.82 -7.66 10.40
CA GLN C 86 14.08 -6.68 11.43
C GLN C 86 14.30 -7.35 12.79
N SER C 87 13.56 -8.42 13.07
CA SER C 87 13.72 -9.11 14.34
C SER C 87 15.05 -9.85 14.40
N LYS C 88 15.42 -10.55 13.33
CA LYS C 88 16.67 -11.30 13.34
C LYS C 88 17.87 -10.38 13.48
N LEU C 89 17.88 -9.27 12.72
CA LEU C 89 19.00 -8.33 12.82
C LEU C 89 19.02 -7.62 14.17
N SER C 90 17.86 -7.25 14.71
CA SER C 90 17.83 -6.54 15.99
C SER C 90 18.24 -7.46 17.15
N GLU C 91 17.89 -8.75 17.08
CA GLU C 91 18.37 -9.69 18.08
C GLU C 91 19.89 -9.83 18.02
N ASP C 92 20.44 -9.90 16.80
CA ASP C 92 21.89 -9.94 16.65
C ASP C 92 22.56 -8.71 17.24
N LEU C 93 21.98 -7.53 17.00
CA LEU C 93 22.54 -6.29 17.54
C LEU C 93 22.63 -6.34 19.06
N MET C 94 21.55 -6.75 19.72
CA MET C 94 21.53 -6.77 21.19
C MET C 94 22.49 -7.82 21.73
N GLU C 95 22.63 -8.95 21.02
CA GLU C 95 23.57 -9.98 21.44
C GLU C 95 25.00 -9.47 21.40
N PHE C 96 25.32 -8.64 20.39
CA PHE C 96 26.69 -8.14 20.25
C PHE C 96 27.05 -7.20 21.40
N ARG C 97 26.05 -6.58 22.02
CA ARG C 97 26.30 -5.75 23.20
C ARG C 97 26.87 -6.60 24.35
N ARG C 98 26.44 -7.86 24.45
CA ARG C 98 27.05 -8.77 25.41
C ARG C 98 28.53 -8.94 25.13
N ASP C 99 28.87 -9.26 23.88
CA ASP C 99 30.26 -9.47 23.50
C ASP C 99 31.12 -8.25 23.81
N ALA C 100 30.54 -7.05 23.69
CA ALA C 100 31.29 -5.85 24.03
C ALA C 100 31.59 -5.80 25.52
N SER C 101 30.65 -6.27 26.34
CA SER C 101 30.88 -6.30 27.78
C SER C 101 31.89 -7.39 28.14
N MET C 102 31.79 -8.56 27.50
CA MET C 102 32.74 -9.63 27.75
C MET C 102 34.15 -9.23 27.32
N LEU C 103 34.27 -8.56 26.17
CA LEU C 103 35.58 -8.07 25.75
C LEU C 103 36.10 -7.01 26.71
N ASN C 104 35.21 -6.13 27.17
CA ASN C 104 35.62 -5.08 28.11
C ASN C 104 36.03 -5.67 29.45
N ASP C 105 35.37 -6.75 29.89
CA ASP C 105 35.78 -7.42 31.11
C ASP C 105 37.21 -7.95 30.99
N GLU C 106 37.51 -8.61 29.86
CA GLU C 106 38.85 -9.14 29.65
C GLU C 106 39.88 -8.03 29.51
N LEU C 107 39.44 -6.85 29.06
CA LEU C 107 40.35 -5.72 28.94
C LEU C 107 40.74 -5.17 30.30
N SER C 108 39.80 -5.10 31.23
CA SER C 108 40.13 -4.63 32.58
C SER C 108 41.16 -5.53 33.24
N HIS C 109 41.06 -6.85 33.01
CA HIS C 109 42.05 -7.77 33.55
C HIS C 109 43.43 -7.51 32.96
N ILE C 110 43.50 -7.31 31.64
CA ILE C 110 44.78 -7.17 30.96
C ILE C 110 45.48 -5.87 31.37
N ASN C 111 44.75 -4.76 31.37
CA ASN C 111 45.37 -3.48 31.74
C ASN C 111 45.92 -3.53 33.16
N ALA C 112 45.21 -4.21 34.06
CA ALA C 112 45.74 -4.39 35.41
C ALA C 112 46.98 -5.27 35.40
N ARG C 113 47.02 -6.28 34.52
CA ARG C 113 48.15 -7.19 34.47
C ARG C 113 49.42 -6.53 33.93
N LEU C 114 49.29 -5.60 32.98
CA LEU C 114 50.49 -4.97 32.43
C LEU C 114 51.18 -4.06 33.43
N ASN C 115 50.44 -3.45 34.36
CA ASN C 115 51.00 -2.62 35.42
C ASN C 115 51.61 -3.44 36.56
N MET C 116 51.49 -4.77 36.49
CA MET C 116 52.09 -5.67 37.48
C MET C 116 53.55 -5.98 37.18
N GLY C 117 54.08 -5.52 36.05
CA GLY C 117 55.48 -5.69 35.70
C GLY C 117 55.75 -5.20 34.29
N ILE C 118 57.00 -4.87 33.97
CA ILE C 118 57.30 -4.52 32.58
C ILE C 118 57.09 -5.76 31.72
#